data_2PQG
#
_entry.id   2PQG
#
_cell.length_a   39.234
_cell.length_b   75.620
_cell.length_c   97.149
_cell.angle_alpha   90.00
_cell.angle_beta   93.72
_cell.angle_gamma   90.00
#
_symmetry.space_group_name_H-M   'P 1 21 1'
#
loop_
_entity.id
_entity.type
_entity.pdbx_description
1 polymer 'Ribosome-inactivating protein 3'
2 water water
#
_entity_poly.entity_id   1
_entity_poly.type   'polypeptide(L)'
_entity_poly.pdbx_seq_one_letter_code
;KFTEIFPVEDANYPYSAFIASVRKDVIKHCTDHKGIFQPVLPPEKKVPELWLYTELKTRTSSITLAIRMDNLYLVGFRTP
GGVWWEFGKDGDTHLLGDNPRWLGFGGRYQDLIGNKGLETVTMGRAEMTRAVNDLAKKKKMATLEEEEVQMQMQMPEAAD
LAAAAAADPQADTKSKLVKLVVMVCEGLRFNTVSRTVDAGFNSQHGVTLTVTQGKQVQKWDRISKAAFEWADHPTAVIPD
MQKLGIKDKNEAARIVALVKNQTTA
;
_entity_poly.pdbx_strand_id   A,B
#
# COMPACT_ATOMS: atom_id res chain seq x y z
N LYS A 1 -14.27 12.44 3.31
CA LYS A 1 -13.58 12.99 4.52
C LYS A 1 -12.07 12.87 4.36
N PHE A 2 -11.61 11.84 3.65
CA PHE A 2 -10.19 11.67 3.35
C PHE A 2 -10.06 11.08 1.97
N THR A 3 -9.10 11.60 1.21
CA THR A 3 -8.98 11.27 -0.21
C THR A 3 -7.94 10.19 -0.48
N GLU A 4 -8.17 9.39 -1.51
CA GLU A 4 -7.14 8.54 -2.08
C GLU A 4 -7.13 8.85 -3.58
N ILE A 5 -5.98 8.67 -4.23
CA ILE A 5 -5.84 8.92 -5.66
C ILE A 5 -5.18 7.76 -6.37
N PHE A 6 -5.81 7.27 -7.43
CA PHE A 6 -5.25 6.18 -8.20
C PHE A 6 -5.11 6.56 -9.70
N PRO A 7 -3.87 6.61 -10.22
CA PRO A 7 -3.57 6.96 -11.61
C PRO A 7 -3.82 5.73 -12.46
N VAL A 8 -5.08 5.46 -12.74
CA VAL A 8 -5.47 4.26 -13.48
C VAL A 8 -4.39 3.85 -14.48
N GLU A 9 -4.16 4.70 -15.47
CA GLU A 9 -3.40 4.33 -16.64
C GLU A 9 -1.93 4.11 -16.40
N ASP A 10 -1.46 4.55 -15.24
CA ASP A 10 -0.06 4.40 -14.88
C ASP A 10 0.29 2.94 -14.64
N ALA A 11 0.78 2.28 -15.68
CA ALA A 11 1.17 0.89 -15.61
C ALA A 11 2.19 0.56 -14.53
N ASN A 12 2.99 1.54 -14.10
CA ASN A 12 3.99 1.30 -13.06
C ASN A 12 3.42 1.31 -11.63
N TYR A 13 2.18 1.77 -11.48
CA TYR A 13 1.51 1.84 -10.17
C TYR A 13 0.56 0.63 -10.06
N PRO A 14 1.03 -0.45 -9.41
CA PRO A 14 0.20 -1.66 -9.27
C PRO A 14 -1.08 -1.51 -8.44
N TYR A 15 -2.12 -2.20 -8.87
CA TYR A 15 -3.41 -2.19 -8.19
C TYR A 15 -3.22 -2.60 -6.72
N SER A 16 -2.36 -3.60 -6.48
CA SER A 16 -2.10 -4.09 -5.13
C SER A 16 -1.57 -2.99 -4.21
N ALA A 17 -0.83 -2.07 -4.80
CA ALA A 17 -0.25 -0.95 -4.06
C ALA A 17 -1.35 -0.01 -3.59
N PHE A 18 -2.28 0.29 -4.50
CA PHE A 18 -3.37 1.16 -4.17
C PHE A 18 -4.24 0.56 -3.08
N ILE A 19 -4.49 -0.74 -3.18
CA ILE A 19 -5.29 -1.43 -2.19
C ILE A 19 -4.60 -1.35 -0.83
N ALA A 20 -3.34 -1.78 -0.81
CA ALA A 20 -2.54 -1.79 0.40
C ALA A 20 -2.48 -0.40 1.03
N SER A 21 -2.41 0.62 0.19
CA SER A 21 -2.34 2.00 0.66
C SER A 21 -3.69 2.47 1.21
N VAL A 22 -4.76 2.19 0.50
CA VAL A 22 -6.08 2.60 0.93
C VAL A 22 -6.59 1.81 2.15
N ARG A 23 -6.24 0.53 2.25
CA ARG A 23 -6.68 -0.21 3.43
C ARG A 23 -6.00 0.33 4.67
N LYS A 24 -4.74 0.76 4.52
CA LYS A 24 -3.98 1.31 5.64
C LYS A 24 -4.59 2.60 6.19
N ASP A 25 -5.18 3.41 5.32
CA ASP A 25 -5.80 4.65 5.76
C ASP A 25 -7.16 4.38 6.38
N VAL A 26 -7.82 3.32 5.92
CA VAL A 26 -9.14 2.92 6.42
C VAL A 26 -9.00 2.24 7.78
N ILE A 27 -7.99 1.41 7.92
CA ILE A 27 -7.72 0.70 9.16
C ILE A 27 -7.40 1.71 10.26
N LYS A 28 -6.98 2.92 9.85
CA LYS A 28 -6.70 3.95 10.84
C LYS A 28 -7.99 4.24 11.58
N HIS A 29 -9.11 4.10 10.89
CA HIS A 29 -10.41 4.36 11.52
C HIS A 29 -11.14 3.09 11.97
N CYS A 30 -10.43 1.97 12.06
CA CYS A 30 -11.03 0.72 12.49
C CYS A 30 -10.66 0.35 13.94
N THR A 31 -11.28 -0.70 14.47
CA THR A 31 -11.00 -1.14 15.83
C THR A 31 -10.47 -2.56 15.83
N ASP A 32 -9.76 -2.92 16.88
CA ASP A 32 -9.22 -4.27 16.99
C ASP A 32 -10.08 -5.04 17.97
N HIS A 33 -10.83 -6.01 17.46
CA HIS A 33 -11.70 -6.84 18.31
C HIS A 33 -10.95 -8.14 18.58
N LYS A 34 -10.94 -8.57 19.84
CA LYS A 34 -10.26 -9.80 20.24
C LYS A 34 -10.95 -11.00 19.56
N GLY A 35 -10.16 -11.90 19.00
CA GLY A 35 -10.75 -13.06 18.34
C GLY A 35 -11.11 -12.84 16.88
N ILE A 36 -10.94 -11.62 16.41
CA ILE A 36 -11.24 -11.27 15.03
C ILE A 36 -9.97 -10.77 14.35
N PHE A 37 -9.38 -11.60 13.49
CA PHE A 37 -8.16 -11.24 12.78
C PHE A 37 -8.30 -9.93 12.01
N GLN A 38 -9.36 -9.77 11.24
CA GLN A 38 -9.57 -8.57 10.45
C GLN A 38 -10.02 -7.36 11.25
N PRO A 39 -9.62 -6.16 10.81
CA PRO A 39 -10.01 -4.93 11.49
C PRO A 39 -11.53 -4.78 11.34
N VAL A 40 -12.17 -4.20 12.34
CA VAL A 40 -13.61 -4.00 12.34
C VAL A 40 -13.91 -2.55 11.94
N LEU A 41 -14.68 -2.38 10.87
CA LEU A 41 -15.03 -1.06 10.37
C LEU A 41 -15.89 -0.28 11.35
N PRO A 42 -15.99 1.04 11.17
CA PRO A 42 -16.81 1.87 12.07
C PRO A 42 -18.26 1.40 12.04
N PRO A 43 -18.98 1.50 13.17
CA PRO A 43 -20.38 1.07 13.20
C PRO A 43 -21.23 1.84 12.22
N GLU A 44 -22.16 1.14 11.59
CA GLU A 44 -23.03 1.75 10.60
C GLU A 44 -24.09 2.65 11.23
N LYS A 45 -24.41 3.73 10.54
CA LYS A 45 -25.42 4.70 10.98
C LYS A 45 -26.27 5.08 9.78
N LYS A 46 -27.43 5.68 10.06
CA LYS A 46 -28.32 6.12 8.98
C LYS A 46 -27.55 7.10 8.09
N VAL A 47 -26.81 8.01 8.73
CA VAL A 47 -26.03 9.02 7.97
C VAL A 47 -24.53 8.73 8.04
N PRO A 48 -23.94 8.22 6.94
CA PRO A 48 -22.53 7.91 6.83
C PRO A 48 -21.80 9.01 7.59
N GLU A 49 -20.92 8.63 8.52
CA GLU A 49 -20.22 9.56 9.38
C GLU A 49 -18.77 9.83 9.06
N LEU A 50 -18.17 8.90 8.32
CA LEU A 50 -16.83 9.11 7.81
C LEU A 50 -16.88 8.65 6.35
N TRP A 51 -16.30 9.46 5.47
CA TRP A 51 -16.28 9.17 4.04
C TRP A 51 -14.92 8.94 3.44
N LEU A 52 -14.80 7.89 2.61
CA LEU A 52 -13.56 7.63 1.90
C LEU A 52 -13.83 8.12 0.45
N TYR A 53 -12.97 9.02 -0.03
CA TYR A 53 -13.08 9.56 -1.38
C TYR A 53 -11.92 9.07 -2.22
N THR A 54 -12.21 8.29 -3.26
CA THR A 54 -11.16 7.81 -4.11
C THR A 54 -11.30 8.45 -5.48
N GLU A 55 -10.25 9.15 -5.87
CA GLU A 55 -10.24 9.81 -7.17
C GLU A 55 -9.50 8.95 -8.19
N LEU A 56 -10.24 8.44 -9.17
CA LEU A 56 -9.64 7.62 -10.22
C LEU A 56 -9.38 8.50 -11.44
N LYS A 57 -8.11 8.59 -11.82
CA LYS A 57 -7.72 9.42 -12.96
C LYS A 57 -7.11 8.62 -14.10
N THR A 58 -7.38 9.06 -15.32
CA THR A 58 -6.68 8.54 -16.47
C THR A 58 -5.60 9.52 -16.91
N ARG A 59 -5.27 9.46 -18.20
CA ARG A 59 -4.48 10.48 -18.86
C ARG A 59 -5.40 11.56 -19.43
N THR A 60 -6.68 11.23 -19.52
CA THR A 60 -7.66 12.13 -20.16
C THR A 60 -8.57 12.78 -19.12
N SER A 61 -9.24 11.96 -18.32
CA SER A 61 -10.33 12.42 -17.48
C SER A 61 -10.18 11.87 -16.07
N SER A 62 -11.23 12.01 -15.28
CA SER A 62 -11.23 11.51 -13.90
C SER A 62 -12.60 11.61 -13.22
N ILE A 63 -12.76 10.86 -12.14
CA ILE A 63 -13.98 10.88 -11.36
C ILE A 63 -13.64 10.59 -9.91
N THR A 64 -14.47 11.08 -9.00
CA THR A 64 -14.25 10.83 -7.58
C THR A 64 -15.37 9.92 -7.09
N LEU A 65 -15.02 8.90 -6.32
CA LEU A 65 -16.02 7.97 -5.79
C LEU A 65 -16.31 8.28 -4.32
N ALA A 66 -17.60 8.39 -3.98
CA ALA A 66 -17.98 8.67 -2.60
C ALA A 66 -18.31 7.35 -1.90
N ILE A 67 -17.42 6.91 -1.01
CA ILE A 67 -17.59 5.65 -0.31
C ILE A 67 -17.80 5.76 1.20
N ARG A 68 -18.83 5.10 1.71
CA ARG A 68 -19.10 5.11 3.15
C ARG A 68 -18.00 4.32 3.83
N MET A 69 -17.47 4.84 4.93
CA MET A 69 -16.42 4.14 5.65
C MET A 69 -16.99 2.97 6.45
N ASP A 70 -18.21 3.11 6.94
CA ASP A 70 -18.81 2.05 7.73
C ASP A 70 -19.02 0.70 7.02
N ASN A 71 -19.49 0.71 5.77
CA ASN A 71 -19.69 -0.56 5.07
C ASN A 71 -18.84 -0.68 3.81
N LEU A 72 -17.99 0.33 3.58
CA LEU A 72 -17.10 0.38 2.42
C LEU A 72 -17.84 0.25 1.09
N TYR A 73 -19.01 0.87 0.99
CA TYR A 73 -19.76 0.77 -0.25
C TYR A 73 -19.98 2.10 -0.92
N LEU A 74 -19.99 2.07 -2.24
CA LEU A 74 -20.18 3.27 -3.07
C LEU A 74 -21.57 3.90 -2.95
N VAL A 75 -21.63 5.21 -2.78
CA VAL A 75 -22.91 5.89 -2.66
C VAL A 75 -23.15 6.69 -3.93
N GLY A 76 -22.08 7.28 -4.47
CA GLY A 76 -22.20 8.06 -5.68
C GLY A 76 -20.84 8.45 -6.22
N PHE A 77 -20.83 9.22 -7.31
CA PHE A 77 -19.59 9.67 -7.92
C PHE A 77 -19.72 11.09 -8.49
N ARG A 78 -18.60 11.80 -8.55
CA ARG A 78 -18.56 13.16 -9.04
C ARG A 78 -17.84 13.27 -10.40
N THR A 79 -18.45 13.99 -11.33
CA THR A 79 -17.85 14.16 -12.66
C THR A 79 -16.85 15.33 -12.66
N PRO A 80 -16.08 15.48 -13.75
CA PRO A 80 -15.11 16.58 -13.81
C PRO A 80 -15.84 17.92 -13.75
N GLY A 81 -17.08 17.94 -14.23
CA GLY A 81 -17.87 19.16 -14.22
C GLY A 81 -18.54 19.45 -12.88
N GLY A 82 -18.18 18.66 -11.88
CA GLY A 82 -18.73 18.84 -10.54
C GLY A 82 -20.15 18.38 -10.31
N VAL A 83 -20.63 17.39 -11.06
CA VAL A 83 -21.98 16.90 -10.86
C VAL A 83 -21.94 15.60 -10.09
N TRP A 84 -22.65 15.53 -8.97
CA TRP A 84 -22.68 14.33 -8.15
C TRP A 84 -23.85 13.45 -8.55
N TRP A 85 -23.55 12.18 -8.77
CA TRP A 85 -24.57 11.21 -9.15
C TRP A 85 -24.67 10.18 -8.05
N GLU A 86 -25.86 10.10 -7.45
CA GLU A 86 -26.08 9.19 -6.34
C GLU A 86 -27.01 8.01 -6.59
N PHE A 87 -26.67 6.88 -5.98
CA PHE A 87 -27.46 5.66 -6.09
C PHE A 87 -28.82 5.91 -5.45
N GLY A 88 -29.88 5.69 -6.22
CA GLY A 88 -31.22 5.92 -5.71
C GLY A 88 -32.13 6.40 -6.80
N LYS A 89 -33.34 6.82 -6.43
CA LYS A 89 -34.33 7.32 -7.38
C LYS A 89 -35.19 8.38 -6.70
N ASP A 90 -35.89 9.20 -7.48
CA ASP A 90 -36.75 10.25 -6.92
C ASP A 90 -37.58 9.66 -5.78
N GLY A 91 -37.68 10.38 -4.67
CA GLY A 91 -38.46 9.89 -3.56
C GLY A 91 -37.58 9.43 -2.42
N ASP A 92 -36.34 9.08 -2.74
CA ASP A 92 -35.39 8.65 -1.71
C ASP A 92 -34.77 9.87 -1.05
N THR A 93 -33.90 9.61 -0.09
CA THR A 93 -33.23 10.67 0.64
C THR A 93 -31.75 10.71 0.30
N HIS A 94 -31.29 11.86 -0.18
CA HIS A 94 -29.89 12.02 -0.55
C HIS A 94 -28.94 12.01 0.63
N LEU A 95 -27.85 11.24 0.51
CA LEU A 95 -26.83 11.22 1.54
C LEU A 95 -25.77 12.25 1.06
N LEU A 96 -25.60 12.39 -0.25
CA LEU A 96 -24.64 13.33 -0.81
C LEU A 96 -25.20 14.76 -0.77
N GLY A 97 -24.30 15.73 -0.61
CA GLY A 97 -24.69 17.12 -0.62
C GLY A 97 -24.23 17.67 -1.97
N ASP A 98 -24.30 18.99 -2.15
CA ASP A 98 -23.85 19.63 -3.40
C ASP A 98 -24.71 19.40 -4.61
N ASN A 99 -26.03 19.43 -4.45
CA ASN A 99 -26.95 19.25 -5.59
C ASN A 99 -26.82 17.92 -6.31
N PRO A 100 -26.87 16.80 -5.57
CA PRO A 100 -26.72 15.50 -6.21
C PRO A 100 -27.91 15.09 -7.07
N ARG A 101 -27.62 14.36 -8.14
CA ARG A 101 -28.64 13.88 -9.05
C ARG A 101 -28.84 12.38 -8.82
N TRP A 102 -30.08 11.93 -8.94
CA TRP A 102 -30.42 10.52 -8.76
C TRP A 102 -30.09 9.76 -10.05
N LEU A 103 -29.38 8.64 -9.92
CA LEU A 103 -29.04 7.82 -11.08
C LEU A 103 -30.31 7.14 -11.59
N GLY A 104 -31.29 6.96 -10.70
CA GLY A 104 -32.53 6.33 -11.10
C GLY A 104 -32.58 4.85 -10.71
N PHE A 105 -31.42 4.29 -10.39
CA PHE A 105 -31.34 2.89 -9.98
C PHE A 105 -30.51 2.81 -8.71
N GLY A 106 -30.59 1.70 -7.99
CA GLY A 106 -29.84 1.55 -6.76
C GLY A 106 -28.48 0.90 -6.94
N GLY A 107 -27.73 0.78 -5.85
CA GLY A 107 -26.42 0.18 -5.89
C GLY A 107 -26.31 -1.33 -5.68
N ARG A 108 -27.49 -1.98 -5.44
CA ARG A 108 -27.52 -3.43 -5.27
C ARG A 108 -27.05 -4.13 -6.53
N TYR A 109 -26.37 -5.26 -6.36
CA TYR A 109 -25.67 -5.92 -7.45
C TYR A 109 -26.70 -6.30 -8.50
N GLN A 110 -27.95 -5.96 -8.23
CA GLN A 110 -29.09 -6.68 -8.80
C GLN A 110 -30.19 -5.68 -9.10
N ASP A 111 -29.99 -4.46 -8.62
CA ASP A 111 -30.26 -3.27 -9.42
C ASP A 111 -29.34 -3.21 -10.64
N LEU A 112 -28.14 -3.76 -10.51
CA LEU A 112 -27.03 -3.40 -11.37
C LEU A 112 -26.90 -4.37 -12.55
N ILE A 113 -26.80 -5.65 -12.24
CA ILE A 113 -26.51 -6.67 -13.25
C ILE A 113 -27.60 -7.73 -13.30
N GLY A 114 -28.77 -7.39 -12.76
CA GLY A 114 -29.87 -8.33 -12.68
C GLY A 114 -29.56 -9.51 -11.77
N ASN A 115 -29.80 -10.71 -12.28
CA ASN A 115 -29.50 -11.93 -11.54
C ASN A 115 -28.32 -12.70 -12.08
N LYS A 116 -27.47 -12.00 -12.82
CA LYS A 116 -26.21 -12.55 -13.29
C LYS A 116 -25.11 -12.34 -12.25
N GLY A 117 -24.36 -13.40 -11.98
CA GLY A 117 -23.44 -13.44 -10.85
C GLY A 117 -22.30 -12.48 -11.06
N LEU A 118 -21.54 -12.23 -10.00
CA LEU A 118 -20.40 -11.33 -10.09
C LEU A 118 -19.34 -11.82 -11.06
N GLU A 119 -19.31 -13.14 -11.31
CA GLU A 119 -18.34 -13.72 -12.22
C GLU A 119 -18.45 -13.19 -13.66
N THR A 120 -19.50 -12.42 -13.93
CA THR A 120 -19.70 -11.86 -15.27
C THR A 120 -19.12 -10.45 -15.43
N VAL A 121 -18.61 -9.89 -14.35
CA VAL A 121 -18.03 -8.56 -14.37
C VAL A 121 -16.53 -8.60 -14.70
N THR A 122 -16.21 -8.25 -15.94
CA THR A 122 -14.82 -8.25 -16.39
C THR A 122 -14.06 -7.05 -15.84
N MET A 123 -12.95 -7.33 -15.14
CA MET A 123 -12.15 -6.29 -14.54
C MET A 123 -10.75 -6.21 -15.14
N GLY A 124 -9.98 -5.23 -14.69
CA GLY A 124 -8.65 -5.01 -15.22
C GLY A 124 -8.38 -3.52 -15.28
N ARG A 125 -7.15 -3.14 -15.58
CA ARG A 125 -6.78 -1.73 -15.66
C ARG A 125 -7.46 -1.09 -16.86
N ALA A 126 -7.39 -1.76 -18.00
CA ALA A 126 -8.02 -1.22 -19.21
C ALA A 126 -9.53 -1.06 -18.97
N GLU A 127 -10.11 -2.02 -18.26
CA GLU A 127 -11.53 -2.00 -17.92
C GLU A 127 -11.84 -0.83 -17.00
N MET A 128 -10.92 -0.51 -16.10
CA MET A 128 -11.11 0.61 -15.18
C MET A 128 -10.89 1.95 -15.89
N THR A 129 -9.98 1.96 -16.88
CA THR A 129 -9.70 3.17 -17.65
C THR A 129 -10.95 3.61 -18.45
N ARG A 130 -11.59 2.65 -19.12
CA ARG A 130 -12.78 2.92 -19.91
C ARG A 130 -13.99 3.31 -19.06
N ALA A 131 -14.10 2.70 -17.89
CA ALA A 131 -15.20 2.99 -16.97
C ALA A 131 -15.12 4.43 -16.48
N VAL A 132 -13.94 4.87 -16.08
CA VAL A 132 -13.76 6.24 -15.60
C VAL A 132 -13.99 7.23 -16.74
N ASN A 133 -13.38 6.98 -17.90
CA ASN A 133 -13.54 7.88 -19.03
C ASN A 133 -15.00 7.98 -19.44
N ASP A 134 -15.70 6.87 -19.34
CA ASP A 134 -17.12 6.81 -19.69
C ASP A 134 -17.97 7.59 -18.68
N LEU A 135 -17.80 7.26 -17.40
CA LEU A 135 -18.56 7.92 -16.33
C LEU A 135 -18.22 9.40 -16.15
N ALA A 136 -17.01 9.78 -16.57
CA ALA A 136 -16.59 11.18 -16.47
C ALA A 136 -17.51 12.00 -17.36
N LYS A 137 -18.21 11.32 -18.27
CA LYS A 137 -19.13 11.99 -19.18
C LYS A 137 -20.59 11.68 -18.88
N LYS A 138 -20.88 11.09 -17.73
CA LYS A 138 -22.28 10.78 -17.41
C LYS A 138 -23.14 11.95 -17.84
N LYS A 139 -24.09 11.64 -18.69
CA LYS A 139 -25.00 12.61 -19.27
C LYS A 139 -26.33 12.53 -18.59
N LYS A 140 -27.12 13.57 -18.71
CA LYS A 140 -28.46 13.59 -18.11
C LYS A 140 -29.45 13.02 -19.10
N MET A 141 -29.04 13.00 -20.37
CA MET A 141 -29.98 12.90 -21.47
C MET A 141 -29.86 11.56 -22.19
N ALA A 142 -30.98 11.05 -22.69
CA ALA A 142 -31.04 10.56 -24.06
C ALA A 142 -32.35 10.94 -24.73
N THR A 143 -32.45 12.20 -25.15
CA THR A 143 -32.85 12.51 -26.52
C THR A 143 -31.77 12.13 -27.51
N LEU A 144 -31.89 10.93 -28.08
CA LEU A 144 -31.11 10.57 -29.26
C LEU A 144 -31.77 9.41 -30.00
N GLU A 145 -31.26 9.13 -31.20
CA GLU A 145 -31.97 9.47 -32.43
C GLU A 145 -32.70 8.25 -33.01
N GLU A 146 -33.98 8.16 -32.73
CA GLU A 146 -34.87 7.27 -33.48
C GLU A 146 -35.31 7.98 -34.74
N GLU A 147 -34.85 9.22 -34.90
CA GLU A 147 -35.06 9.98 -36.14
C GLU A 147 -33.95 9.50 -37.10
N GLU A 148 -32.84 8.99 -36.54
CA GLU A 148 -31.73 8.50 -37.37
C GLU A 148 -32.15 7.25 -38.15
N VAL A 149 -32.90 6.34 -37.50
CA VAL A 149 -33.40 5.11 -38.12
C VAL A 149 -33.25 3.88 -37.22
N PRO A 156 -36.82 3.10 -35.21
CA PRO A 156 -38.07 2.82 -35.92
C PRO A 156 -38.03 3.36 -37.36
N GLU A 157 -37.74 2.47 -38.31
CA GLU A 157 -38.18 1.08 -38.23
C GLU A 157 -37.08 0.19 -37.66
N ALA A 158 -36.31 0.74 -36.73
CA ALA A 158 -35.60 -0.06 -35.74
C ALA A 158 -36.34 -0.09 -34.41
N ALA A 159 -37.54 -0.66 -34.42
CA ALA A 159 -38.38 -0.70 -33.21
C ALA A 159 -37.72 -1.50 -32.09
N ASP A 160 -36.92 -2.49 -32.48
CA ASP A 160 -36.19 -3.30 -31.51
C ASP A 160 -35.14 -2.48 -30.78
N LEU A 161 -34.36 -1.70 -31.54
CA LEU A 161 -33.34 -0.84 -30.99
C LEU A 161 -34.00 0.23 -30.13
N ALA A 162 -35.03 0.86 -30.69
CA ALA A 162 -35.76 1.91 -30.00
C ALA A 162 -36.27 1.50 -28.63
N ALA A 163 -36.77 0.28 -28.51
CA ALA A 163 -37.32 -0.16 -27.23
C ALA A 163 -36.27 -0.59 -26.22
N ALA A 164 -35.11 -1.04 -26.70
CA ALA A 164 -34.06 -1.46 -25.79
C ALA A 164 -33.52 -0.20 -25.10
N ALA A 165 -33.35 0.85 -25.89
CA ALA A 165 -32.86 2.13 -25.40
C ALA A 165 -33.84 2.73 -24.41
N ALA A 166 -35.13 2.63 -24.70
CA ALA A 166 -36.13 3.20 -23.81
C ALA A 166 -36.24 2.54 -22.44
N ALA A 167 -36.10 1.21 -22.40
CA ALA A 167 -36.20 0.48 -21.13
C ALA A 167 -34.91 0.37 -20.31
N ASP A 168 -33.77 0.42 -20.98
CA ASP A 168 -32.49 0.31 -20.26
C ASP A 168 -31.48 1.34 -20.75
N PRO A 169 -31.82 2.65 -20.61
CA PRO A 169 -30.98 3.78 -21.03
C PRO A 169 -29.57 3.82 -20.43
N GLN A 170 -29.42 3.57 -19.13
CA GLN A 170 -28.08 3.60 -18.51
C GLN A 170 -27.50 2.21 -18.34
N ALA A 171 -27.77 1.32 -19.30
CA ALA A 171 -27.21 -0.02 -19.25
C ALA A 171 -25.71 0.16 -19.19
N ASP A 172 -25.20 1.08 -20.02
CA ASP A 172 -23.77 1.37 -20.09
C ASP A 172 -23.22 1.85 -18.75
N THR A 173 -23.92 2.78 -18.12
CA THR A 173 -23.51 3.30 -16.83
C THR A 173 -23.54 2.18 -15.78
N LYS A 174 -24.63 1.43 -15.71
CA LYS A 174 -24.70 0.34 -14.74
C LYS A 174 -23.53 -0.59 -14.90
N SER A 175 -23.10 -0.79 -16.13
CA SER A 175 -22.00 -1.68 -16.46
C SER A 175 -20.67 -1.16 -15.96
N LYS A 176 -20.39 0.11 -16.22
CA LYS A 176 -19.15 0.74 -15.79
C LYS A 176 -19.11 0.87 -14.26
N LEU A 177 -20.26 1.14 -13.66
CA LEU A 177 -20.34 1.29 -12.22
C LEU A 177 -20.08 -0.02 -11.46
N VAL A 178 -20.62 -1.12 -11.95
CA VAL A 178 -20.43 -2.41 -11.26
C VAL A 178 -19.01 -2.96 -11.44
N LYS A 179 -18.22 -2.35 -12.31
CA LYS A 179 -16.85 -2.81 -12.50
C LYS A 179 -15.99 -2.16 -11.41
N LEU A 180 -16.33 -0.92 -11.08
CA LEU A 180 -15.61 -0.17 -10.05
C LEU A 180 -16.04 -0.61 -8.65
N VAL A 181 -17.30 -1.00 -8.52
CA VAL A 181 -17.82 -1.46 -7.25
C VAL A 181 -17.06 -2.71 -6.83
N VAL A 182 -16.84 -3.62 -7.76
CA VAL A 182 -16.12 -4.85 -7.44
C VAL A 182 -14.61 -4.64 -7.28
N MET A 183 -13.99 -3.90 -8.19
CA MET A 183 -12.55 -3.63 -8.13
C MET A 183 -12.15 -2.77 -6.93
N VAL A 184 -12.96 -1.75 -6.61
CA VAL A 184 -12.63 -0.88 -5.49
C VAL A 184 -13.27 -1.28 -4.14
N CYS A 185 -14.59 -1.13 -4.01
CA CYS A 185 -15.25 -1.48 -2.75
C CYS A 185 -14.98 -2.90 -2.33
N GLU A 186 -15.34 -3.83 -3.20
CA GLU A 186 -15.16 -5.25 -2.92
C GLU A 186 -13.70 -5.62 -2.90
N GLY A 187 -12.86 -4.84 -3.60
CA GLY A 187 -11.44 -5.11 -3.58
C GLY A 187 -10.91 -4.79 -2.20
N LEU A 188 -11.48 -3.74 -1.57
CA LEU A 188 -11.07 -3.32 -0.24
C LEU A 188 -11.59 -4.29 0.85
N ARG A 189 -12.84 -4.72 0.71
CA ARG A 189 -13.44 -5.64 1.65
C ARG A 189 -12.81 -7.03 1.64
N PHE A 190 -12.65 -7.60 0.45
CA PHE A 190 -12.11 -8.94 0.31
C PHE A 190 -10.71 -9.02 -0.25
N ASN A 191 -9.81 -9.69 0.45
CA ASN A 191 -8.45 -9.85 -0.06
C ASN A 191 -8.49 -10.99 -1.08
N THR A 192 -9.63 -11.67 -1.19
CA THR A 192 -9.76 -12.73 -2.18
C THR A 192 -9.98 -12.05 -3.53
N VAL A 193 -10.62 -10.89 -3.51
CA VAL A 193 -10.89 -10.12 -4.71
C VAL A 193 -9.66 -9.28 -5.10
N SER A 194 -9.04 -8.64 -4.12
CA SER A 194 -7.86 -7.85 -4.41
C SER A 194 -6.74 -8.75 -4.95
N ARG A 195 -6.65 -10.00 -4.47
CA ARG A 195 -5.62 -10.91 -4.97
C ARG A 195 -5.91 -11.28 -6.43
N THR A 196 -7.18 -11.56 -6.73
CA THR A 196 -7.58 -11.94 -8.07
C THR A 196 -7.54 -10.77 -9.04
N VAL A 197 -7.99 -9.59 -8.60
CA VAL A 197 -7.97 -8.43 -9.47
C VAL A 197 -6.54 -7.95 -9.71
N ASP A 198 -5.65 -8.08 -8.73
CA ASP A 198 -4.29 -7.63 -8.92
C ASP A 198 -3.51 -8.59 -9.81
N ALA A 199 -3.76 -9.87 -9.64
CA ALA A 199 -3.07 -10.86 -10.44
C ALA A 199 -3.33 -10.66 -11.94
N GLY A 200 -4.56 -10.33 -12.32
CA GLY A 200 -4.84 -10.15 -13.73
C GLY A 200 -5.11 -8.72 -14.15
N PHE A 201 -4.74 -7.77 -13.29
CA PHE A 201 -4.98 -6.36 -13.58
C PHE A 201 -4.43 -5.82 -14.90
N ASN A 202 -3.33 -6.38 -15.38
CA ASN A 202 -2.75 -5.92 -16.64
C ASN A 202 -2.85 -6.97 -17.74
N SER A 203 -3.64 -8.02 -17.51
CA SER A 203 -3.76 -9.04 -18.54
C SER A 203 -4.53 -8.46 -19.71
N GLN A 204 -4.20 -8.92 -20.91
CA GLN A 204 -4.82 -8.41 -22.12
C GLN A 204 -6.31 -8.67 -22.29
N HIS A 205 -6.85 -9.67 -21.62
CA HIS A 205 -8.27 -9.95 -21.80
C HIS A 205 -9.15 -9.78 -20.59
N GLY A 206 -8.64 -9.07 -19.59
CA GLY A 206 -9.40 -8.83 -18.39
C GLY A 206 -9.33 -9.99 -17.42
N VAL A 207 -9.97 -9.82 -16.26
CA VAL A 207 -9.97 -10.86 -15.24
C VAL A 207 -11.31 -10.84 -14.52
N THR A 208 -11.74 -12.00 -14.04
CA THR A 208 -13.01 -12.10 -13.34
C THR A 208 -12.89 -12.95 -12.08
N LEU A 209 -13.90 -12.84 -11.21
CA LEU A 209 -13.97 -13.67 -10.02
C LEU A 209 -14.85 -14.89 -10.26
N THR A 210 -14.45 -16.02 -9.68
CA THR A 210 -15.09 -17.30 -9.96
C THR A 210 -16.54 -17.18 -9.42
N VAL A 211 -17.38 -18.17 -9.74
CA VAL A 211 -18.76 -18.19 -9.29
C VAL A 211 -18.76 -18.19 -7.77
N THR A 212 -17.92 -19.05 -7.20
CA THR A 212 -17.82 -19.18 -5.76
C THR A 212 -17.38 -17.90 -5.08
N GLN A 213 -16.42 -17.19 -5.70
CA GLN A 213 -15.94 -15.93 -5.14
C GLN A 213 -17.09 -14.93 -5.10
N GLY A 214 -17.81 -14.87 -6.22
CA GLY A 214 -18.94 -13.96 -6.31
C GLY A 214 -19.97 -14.23 -5.23
N LYS A 215 -20.22 -15.49 -4.94
CA LYS A 215 -21.20 -15.81 -3.91
C LYS A 215 -20.76 -15.40 -2.51
N GLN A 216 -19.47 -15.48 -2.25
CA GLN A 216 -18.96 -15.09 -0.93
C GLN A 216 -19.00 -13.57 -0.85
N VAL A 217 -18.60 -12.92 -1.93
CA VAL A 217 -18.60 -11.48 -2.01
C VAL A 217 -19.98 -10.93 -1.66
N GLN A 218 -21.01 -11.59 -2.18
CA GLN A 218 -22.38 -11.18 -1.94
C GLN A 218 -22.85 -11.48 -0.53
N LYS A 219 -22.03 -12.19 0.25
CA LYS A 219 -22.41 -12.53 1.62
C LYS A 219 -21.48 -11.87 2.64
N TRP A 220 -20.91 -10.75 2.26
CA TRP A 220 -20.00 -10.01 3.13
C TRP A 220 -20.54 -9.81 4.54
N ASP A 221 -21.84 -9.51 4.64
CA ASP A 221 -22.48 -9.28 5.94
C ASP A 221 -22.51 -10.54 6.74
N ARG A 222 -22.78 -11.62 6.04
CA ARG A 222 -22.87 -12.90 6.69
C ARG A 222 -21.54 -13.39 7.19
N ILE A 223 -20.49 -13.28 6.37
CA ILE A 223 -19.21 -13.74 6.86
C ILE A 223 -18.65 -12.76 7.89
N SER A 224 -19.22 -11.56 7.95
CA SER A 224 -18.79 -10.59 8.95
C SER A 224 -19.41 -11.02 10.27
N LYS A 225 -20.66 -11.48 10.23
CA LYS A 225 -21.35 -11.96 11.43
C LYS A 225 -20.62 -13.20 11.97
N ALA A 226 -20.23 -14.09 11.06
CA ALA A 226 -19.51 -15.29 11.45
C ALA A 226 -18.18 -14.88 12.09
N ALA A 227 -17.57 -13.83 11.55
CA ALA A 227 -16.29 -13.37 12.08
C ALA A 227 -16.45 -13.12 13.58
N PHE A 228 -17.56 -12.49 13.94
CA PHE A 228 -17.86 -12.20 15.34
C PHE A 228 -18.23 -13.46 16.13
N GLU A 229 -18.95 -14.37 15.50
CA GLU A 229 -19.34 -15.62 16.16
C GLU A 229 -18.10 -16.46 16.48
N TRP A 230 -17.13 -16.45 15.57
CA TRP A 230 -15.90 -17.21 15.75
C TRP A 230 -15.00 -16.56 16.78
N ALA A 231 -15.27 -15.30 17.07
CA ALA A 231 -14.52 -14.58 18.10
C ALA A 231 -14.95 -15.21 19.45
N ASP A 232 -16.24 -15.54 19.58
CA ASP A 232 -16.76 -16.12 20.81
C ASP A 232 -16.54 -17.64 20.89
N HIS A 233 -16.84 -18.35 19.81
CA HIS A 233 -16.70 -19.78 19.76
C HIS A 233 -15.97 -20.16 18.49
N PRO A 234 -14.64 -20.19 18.56
CA PRO A 234 -13.78 -20.48 17.42
C PRO A 234 -13.83 -21.88 16.82
N THR A 235 -14.60 -22.76 17.44
CA THR A 235 -14.73 -24.10 16.96
C THR A 235 -16.08 -24.33 16.31
N ALA A 236 -16.99 -23.39 16.50
CA ALA A 236 -18.33 -23.52 15.94
C ALA A 236 -18.36 -23.74 14.44
N VAL A 237 -19.23 -24.65 14.00
CA VAL A 237 -19.39 -24.92 12.58
C VAL A 237 -20.53 -24.00 12.11
N ILE A 238 -20.35 -23.40 10.94
CA ILE A 238 -21.30 -22.45 10.40
C ILE A 238 -21.89 -22.82 9.05
N PRO A 239 -23.14 -23.28 9.06
CA PRO A 239 -23.82 -23.69 7.83
C PRO A 239 -23.69 -22.67 6.73
N ASP A 240 -24.14 -21.46 7.01
CA ASP A 240 -24.07 -20.37 6.03
C ASP A 240 -22.65 -20.18 5.49
N MET A 241 -21.67 -20.63 6.28
CA MET A 241 -20.27 -20.50 5.88
C MET A 241 -19.76 -21.68 5.05
N GLN A 242 -20.07 -22.91 5.49
CA GLN A 242 -19.66 -24.11 4.76
C GLN A 242 -20.47 -24.15 3.48
N LYS A 243 -21.65 -23.56 3.52
CA LYS A 243 -22.49 -23.41 2.35
C LYS A 243 -21.60 -22.68 1.29
N LEU A 244 -20.79 -21.72 1.75
CA LEU A 244 -19.97 -20.90 0.86
C LEU A 244 -18.56 -21.38 0.60
N GLY A 245 -18.23 -22.54 1.15
CA GLY A 245 -16.90 -23.07 0.99
C GLY A 245 -15.97 -22.49 2.06
N ILE A 246 -16.52 -22.10 3.22
CA ILE A 246 -15.71 -21.54 4.32
C ILE A 246 -16.11 -22.31 5.56
N LYS A 247 -15.11 -22.88 6.24
CA LYS A 247 -15.36 -23.73 7.40
C LYS A 247 -15.02 -23.01 8.70
N ASP A 248 -13.85 -22.37 8.74
CA ASP A 248 -13.27 -21.90 9.98
C ASP A 248 -12.64 -20.53 9.79
N LYS A 249 -12.47 -19.79 10.89
CA LYS A 249 -11.92 -18.45 10.82
C LYS A 249 -10.64 -18.35 10.03
N ASN A 250 -9.89 -19.45 9.99
CA ASN A 250 -8.63 -19.48 9.26
C ASN A 250 -8.79 -19.29 7.75
N GLU A 251 -9.78 -19.97 7.15
CA GLU A 251 -10.02 -19.83 5.72
C GLU A 251 -10.65 -18.45 5.50
N ALA A 252 -11.47 -18.04 6.46
CA ALA A 252 -12.13 -16.75 6.39
C ALA A 252 -11.09 -15.63 6.34
N ALA A 253 -9.95 -15.85 6.98
CA ALA A 253 -8.89 -14.84 7.00
C ALA A 253 -8.21 -14.72 5.63
N ARG A 254 -8.41 -15.71 4.78
CA ARG A 254 -7.82 -15.71 3.44
C ARG A 254 -8.80 -15.10 2.45
N ILE A 255 -9.95 -14.67 2.95
CA ILE A 255 -11.04 -14.20 2.12
C ILE A 255 -11.50 -12.78 2.34
N VAL A 256 -11.82 -12.46 3.58
CA VAL A 256 -12.25 -11.10 3.92
C VAL A 256 -11.10 -10.38 4.61
N ALA A 257 -10.92 -9.11 4.24
CA ALA A 257 -9.85 -8.29 4.81
C ALA A 257 -10.40 -7.38 5.90
N LEU A 258 -11.61 -6.87 5.69
CA LEU A 258 -12.25 -5.99 6.66
C LEU A 258 -13.68 -6.43 6.94
N VAL A 259 -14.02 -6.61 8.22
CA VAL A 259 -15.37 -7.04 8.56
C VAL A 259 -16.28 -5.93 9.01
N LYS A 260 -17.56 -6.15 8.72
CA LYS A 260 -18.63 -5.24 9.08
C LYS A 260 -18.89 -5.31 10.59
N ASN A 261 -18.82 -4.16 11.24
CA ASN A 261 -19.04 -4.04 12.67
C ASN A 261 -20.43 -4.48 13.09
N GLN A 262 -20.50 -5.50 13.94
CA GLN A 262 -21.77 -5.98 14.44
C GLN A 262 -22.23 -5.10 15.60
N THR A 263 -21.29 -4.48 16.29
CA THR A 263 -21.61 -3.58 17.40
C THR A 263 -21.75 -2.16 16.83
N LYS B 1 14.33 -12.80 -1.17
CA LYS B 1 13.56 -14.04 -1.54
C LYS B 1 12.26 -13.63 -2.23
N PHE B 2 11.66 -12.50 -1.80
CA PHE B 2 10.47 -11.97 -2.46
C PHE B 2 10.82 -10.54 -2.91
N THR B 3 10.52 -10.24 -4.15
CA THR B 3 10.87 -8.96 -4.73
C THR B 3 9.79 -7.90 -4.76
N GLU B 4 10.22 -6.65 -4.61
CA GLU B 4 9.30 -5.52 -4.78
C GLU B 4 10.05 -4.49 -5.63
N ILE B 5 9.32 -3.80 -6.51
CA ILE B 5 9.91 -2.81 -7.39
C ILE B 5 9.38 -1.42 -7.11
N PHE B 6 10.21 -0.41 -7.35
CA PHE B 6 9.78 0.98 -7.19
C PHE B 6 10.31 1.83 -8.36
N PRO B 7 9.40 2.32 -9.21
CA PRO B 7 9.75 3.17 -10.37
C PRO B 7 10.12 4.54 -9.80
N VAL B 8 11.39 4.72 -9.46
CA VAL B 8 11.83 5.95 -8.82
C VAL B 8 11.36 7.23 -9.44
N GLU B 9 11.47 7.31 -10.76
CA GLU B 9 11.09 8.51 -11.48
C GLU B 9 9.63 8.69 -11.77
N ASP B 10 8.81 7.68 -11.48
CA ASP B 10 7.38 7.79 -11.71
C ASP B 10 6.75 8.67 -10.65
N ALA B 11 6.49 9.92 -11.02
CA ALA B 11 5.90 10.90 -10.13
C ALA B 11 4.53 10.50 -9.62
N ASN B 12 3.84 9.63 -10.37
CA ASN B 12 2.51 9.20 -9.99
C ASN B 12 2.47 8.10 -8.95
N TYR B 13 3.61 7.46 -8.72
CA TYR B 13 3.72 6.38 -7.74
C TYR B 13 4.31 6.99 -6.48
N PRO B 14 3.45 7.35 -5.52
CA PRO B 14 3.94 7.94 -4.27
C PRO B 14 4.81 6.99 -3.47
N TYR B 15 5.84 7.55 -2.83
CA TYR B 15 6.76 6.79 -1.98
C TYR B 15 5.95 6.06 -0.90
N SER B 16 4.91 6.71 -0.37
CA SER B 16 4.08 6.11 0.67
C SER B 16 3.43 4.79 0.22
N ALA B 17 3.01 4.73 -1.04
CA ALA B 17 2.38 3.52 -1.54
C ALA B 17 3.38 2.38 -1.53
N PHE B 18 4.66 2.70 -1.72
CA PHE B 18 5.71 1.69 -1.74
C PHE B 18 6.03 1.16 -0.35
N ILE B 19 5.93 2.02 0.65
CA ILE B 19 6.19 1.65 2.03
C ILE B 19 5.02 0.80 2.51
N ALA B 20 3.81 1.26 2.23
CA ALA B 20 2.59 0.56 2.62
C ALA B 20 2.52 -0.80 1.98
N SER B 21 2.96 -0.86 0.73
CA SER B 21 2.95 -2.10 -0.04
C SER B 21 4.03 -3.07 0.43
N VAL B 22 5.26 -2.58 0.60
CA VAL B 22 6.38 -3.41 1.02
C VAL B 22 6.27 -3.83 2.47
N ARG B 23 5.71 -2.98 3.32
CA ARG B 23 5.59 -3.39 4.71
C ARG B 23 4.68 -4.60 4.79
N LYS B 24 3.57 -4.57 4.05
CA LYS B 24 2.62 -5.67 4.01
C LYS B 24 3.38 -6.97 3.78
N ASP B 25 4.13 -7.04 2.69
CA ASP B 25 4.93 -8.22 2.39
C ASP B 25 5.73 -8.66 3.62
N VAL B 26 6.44 -7.73 4.25
CA VAL B 26 7.26 -8.03 5.40
C VAL B 26 6.46 -8.58 6.57
N ILE B 27 5.28 -8.03 6.78
CA ILE B 27 4.44 -8.47 7.88
C ILE B 27 3.92 -9.90 7.71
N LYS B 28 3.77 -10.36 6.46
CA LYS B 28 3.32 -11.74 6.25
C LYS B 28 4.32 -12.70 6.90
N HIS B 29 5.55 -12.23 7.09
CA HIS B 29 6.59 -13.06 7.70
C HIS B 29 6.84 -12.63 9.15
N CYS B 30 5.97 -11.76 9.66
CA CYS B 30 6.07 -11.27 11.02
C CYS B 30 5.06 -11.94 11.95
N THR B 31 5.30 -11.81 13.24
CA THR B 31 4.44 -12.42 14.22
C THR B 31 3.75 -11.36 15.04
N ASP B 32 2.66 -11.75 15.68
CA ASP B 32 1.92 -10.82 16.51
C ASP B 32 2.10 -11.22 17.95
N HIS B 33 2.47 -10.25 18.78
CA HIS B 33 2.66 -10.49 20.20
C HIS B 33 1.73 -9.64 21.01
N LYS B 34 1.07 -10.30 21.96
CA LYS B 34 0.16 -9.66 22.87
C LYS B 34 0.93 -8.54 23.57
N GLY B 35 0.38 -7.35 23.61
CA GLY B 35 1.06 -6.25 24.29
C GLY B 35 1.97 -5.42 23.41
N ILE B 36 2.19 -5.88 22.18
CA ILE B 36 3.05 -5.17 21.24
C ILE B 36 2.28 -4.80 19.98
N PHE B 37 2.03 -3.52 19.81
CA PHE B 37 1.31 -3.00 18.66
C PHE B 37 1.87 -3.33 17.30
N GLN B 38 3.19 -3.17 17.20
CA GLN B 38 3.92 -3.38 15.97
C GLN B 38 4.22 -4.83 15.72
N PRO B 39 4.21 -5.23 14.44
CA PRO B 39 4.51 -6.63 14.14
C PRO B 39 5.96 -6.87 14.59
N VAL B 40 6.31 -8.11 14.87
CA VAL B 40 7.66 -8.43 15.30
C VAL B 40 8.37 -9.21 14.20
N LEU B 41 9.47 -8.65 13.71
CA LEU B 41 10.25 -9.26 12.63
C LEU B 41 10.77 -10.63 12.97
N PRO B 42 11.13 -11.43 11.94
CA PRO B 42 11.66 -12.76 12.22
C PRO B 42 12.83 -12.68 13.20
N PRO B 43 13.08 -13.74 13.97
CA PRO B 43 14.21 -13.69 14.91
C PRO B 43 15.55 -13.64 14.17
N GLU B 44 16.52 -12.90 14.72
CA GLU B 44 17.80 -12.79 14.06
C GLU B 44 18.60 -14.08 14.10
N LYS B 45 19.36 -14.31 13.04
CA LYS B 45 20.20 -15.49 12.91
C LYS B 45 21.57 -15.02 12.45
N LYS B 46 22.58 -15.87 12.59
CA LYS B 46 23.92 -15.53 12.15
C LYS B 46 23.89 -15.46 10.61
N VAL B 47 23.20 -16.40 9.96
CA VAL B 47 23.03 -16.37 8.53
C VAL B 47 21.52 -16.25 8.27
N PRO B 48 21.07 -15.04 7.87
CA PRO B 48 19.64 -14.77 7.66
C PRO B 48 18.91 -15.76 6.77
N GLU B 49 17.65 -15.98 7.10
CA GLU B 49 16.84 -16.93 6.35
C GLU B 49 16.08 -16.28 5.20
N LEU B 50 15.37 -15.20 5.50
CA LEU B 50 14.56 -14.52 4.50
C LEU B 50 15.24 -13.24 4.02
N TRP B 51 15.09 -12.95 2.74
CA TRP B 51 15.67 -11.77 2.16
C TRP B 51 14.64 -10.86 1.52
N LEU B 52 14.83 -9.55 1.69
CA LEU B 52 13.95 -8.58 1.03
C LEU B 52 14.77 -7.96 -0.12
N TYR B 53 14.29 -8.18 -1.35
CA TYR B 53 14.94 -7.61 -2.53
C TYR B 53 14.09 -6.47 -3.10
N THR B 54 14.61 -5.25 -2.99
CA THR B 54 13.91 -4.09 -3.52
C THR B 54 14.66 -3.52 -4.73
N GLU B 55 14.02 -3.58 -5.89
CA GLU B 55 14.62 -3.04 -7.11
C GLU B 55 14.20 -1.58 -7.27
N LEU B 56 15.16 -0.68 -7.41
CA LEU B 56 14.88 0.75 -7.59
C LEU B 56 15.22 1.11 -9.03
N LYS B 57 14.08 1.21 -9.80
CA LYS B 57 14.31 1.52 -11.20
C LYS B 57 14.05 2.96 -11.58
N THR B 58 14.98 3.54 -12.32
CA THR B 58 14.80 4.89 -12.83
C THR B 58 14.25 4.82 -14.25
N ARG B 59 14.46 5.87 -15.12
CA ARG B 59 14.24 5.83 -16.56
C ARG B 59 15.49 5.35 -17.29
N THR B 60 16.60 5.38 -16.60
CA THR B 60 17.88 5.07 -17.19
C THR B 60 18.59 3.82 -16.73
N SER B 61 18.27 3.42 -15.51
CA SER B 61 19.01 2.36 -14.88
C SER B 61 18.30 1.85 -13.61
N SER B 62 18.98 0.99 -12.87
CA SER B 62 18.41 0.44 -11.65
C SER B 62 19.44 -0.33 -10.83
N ILE B 63 19.06 -0.64 -9.59
CA ILE B 63 19.92 -1.40 -8.69
C ILE B 63 19.00 -2.20 -7.78
N THR B 64 19.49 -3.33 -7.30
CA THR B 64 18.69 -4.16 -6.41
C THR B 64 19.30 -4.17 -5.00
N LEU B 65 18.48 -3.84 -4.01
CA LEU B 65 18.95 -3.82 -2.64
C LEU B 65 18.64 -5.14 -1.93
N ALA B 66 19.67 -5.77 -1.37
CA ALA B 66 19.47 -7.01 -0.66
C ALA B 66 19.43 -6.66 0.83
N ILE B 67 18.23 -6.72 1.40
CA ILE B 67 17.98 -6.40 2.81
C ILE B 67 17.58 -7.60 3.65
N ARG B 68 18.22 -7.81 4.81
CA ARG B 68 17.87 -8.91 5.70
C ARG B 68 16.46 -8.64 6.23
N MET B 69 15.67 -9.69 6.38
CA MET B 69 14.30 -9.55 6.88
C MET B 69 14.21 -9.49 8.40
N ASP B 70 15.18 -10.09 9.09
CA ASP B 70 15.17 -10.11 10.54
C ASP B 70 15.43 -8.76 11.17
N ASN B 71 16.23 -7.93 10.52
CA ASN B 71 16.49 -6.59 11.05
C ASN B 71 16.27 -5.51 9.99
N LEU B 72 15.79 -5.91 8.82
CA LEU B 72 15.49 -4.98 7.74
C LEU B 72 16.64 -4.05 7.38
N TYR B 73 17.86 -4.57 7.39
CA TYR B 73 18.99 -3.73 7.05
C TYR B 73 19.69 -4.16 5.76
N LEU B 74 20.27 -3.18 5.08
CA LEU B 74 20.97 -3.38 3.82
C LEU B 74 22.28 -4.16 3.99
N VAL B 75 22.46 -5.20 3.18
CA VAL B 75 23.67 -6.03 3.21
C VAL B 75 24.48 -5.70 1.95
N GLY B 76 23.78 -5.35 0.88
CA GLY B 76 24.46 -5.00 -0.35
C GLY B 76 23.52 -4.64 -1.48
N PHE B 77 24.08 -4.36 -2.65
CA PHE B 77 23.26 -4.03 -3.81
C PHE B 77 23.87 -4.61 -5.08
N ARG B 78 23.00 -4.86 -6.06
CA ARG B 78 23.42 -5.45 -7.31
C ARG B 78 23.32 -4.43 -8.46
N THR B 79 24.39 -4.29 -9.22
CA THR B 79 24.41 -3.36 -10.36
C THR B 79 23.77 -3.99 -11.59
N PRO B 80 23.40 -3.17 -12.60
CA PRO B 80 22.79 -3.73 -13.82
C PRO B 80 23.72 -4.77 -14.47
N GLY B 81 25.02 -4.62 -14.25
CA GLY B 81 25.99 -5.56 -14.79
C GLY B 81 26.05 -6.86 -14.01
N GLY B 82 25.15 -7.01 -13.04
CA GLY B 82 25.09 -8.23 -12.25
C GLY B 82 26.17 -8.36 -11.19
N VAL B 83 26.78 -7.25 -10.79
CA VAL B 83 27.82 -7.28 -9.76
C VAL B 83 27.28 -6.98 -8.37
N TRP B 84 27.52 -7.86 -7.42
CA TRP B 84 27.06 -7.63 -6.05
C TRP B 84 28.10 -6.95 -5.19
N TRP B 85 27.70 -5.86 -4.55
CA TRP B 85 28.59 -5.10 -3.68
C TRP B 85 28.10 -5.28 -2.27
N GLU B 86 28.99 -5.69 -1.38
CA GLU B 86 28.61 -5.94 0.00
C GLU B 86 29.33 -5.13 1.07
N PHE B 87 28.59 -4.76 2.10
CA PHE B 87 29.15 -4.02 3.22
C PHE B 87 30.19 -4.89 3.93
N GLY B 88 31.39 -4.37 4.11
CA GLY B 88 32.44 -5.12 4.76
C GLY B 88 33.77 -4.86 4.09
N LYS B 89 34.79 -5.60 4.55
CA LYS B 89 36.14 -5.47 4.01
C LYS B 89 36.78 -6.85 3.92
N ASP B 90 37.86 -6.97 3.16
CA ASP B 90 38.57 -8.25 3.00
C ASP B 90 38.83 -8.84 4.39
N GLY B 91 38.60 -10.15 4.52
CA GLY B 91 38.80 -10.79 5.80
C GLY B 91 37.45 -11.07 6.43
N ASP B 92 36.44 -10.33 5.98
CA ASP B 92 35.09 -10.52 6.50
C ASP B 92 34.46 -11.70 5.79
N THR B 93 33.35 -12.18 6.31
CA THR B 93 32.65 -13.31 5.72
C THR B 93 31.40 -12.87 4.95
N HIS B 94 31.47 -13.03 3.62
CA HIS B 94 30.38 -12.67 2.72
C HIS B 94 29.07 -13.36 3.03
N LEU B 95 27.99 -12.58 3.11
CA LEU B 95 26.65 -13.11 3.37
C LEU B 95 25.95 -13.30 2.02
N LEU B 96 26.44 -12.59 0.99
CA LEU B 96 25.87 -12.68 -0.36
C LEU B 96 26.59 -13.70 -1.21
N GLY B 97 25.90 -14.21 -2.22
CA GLY B 97 26.50 -15.19 -3.11
C GLY B 97 26.78 -14.53 -4.44
N ASP B 98 27.02 -15.35 -5.47
CA ASP B 98 27.29 -14.82 -6.81
C ASP B 98 28.52 -13.94 -6.87
N ASN B 99 29.63 -14.42 -6.34
CA ASN B 99 30.88 -13.66 -6.35
C ASN B 99 30.72 -12.18 -5.99
N PRO B 100 30.35 -11.89 -4.75
CA PRO B 100 30.19 -10.48 -4.37
C PRO B 100 31.53 -9.80 -4.06
N ARG B 101 31.57 -8.48 -4.23
CA ARG B 101 32.77 -7.69 -3.97
C ARG B 101 32.60 -6.90 -2.66
N TRP B 102 33.71 -6.65 -1.96
CA TRP B 102 33.66 -5.89 -0.71
C TRP B 102 33.72 -4.40 -1.00
N LEU B 103 32.80 -3.62 -0.43
CA LEU B 103 32.79 -2.17 -0.64
C LEU B 103 34.00 -1.55 0.07
N GLY B 104 34.47 -2.17 1.14
CA GLY B 104 35.61 -1.65 1.84
C GLY B 104 35.30 -0.87 3.11
N PHE B 105 34.01 -0.76 3.42
CA PHE B 105 33.57 -0.05 4.61
C PHE B 105 32.31 -0.67 5.18
N GLY B 106 32.02 -0.35 6.44
CA GLY B 106 30.82 -0.91 7.03
C GLY B 106 29.56 -0.24 6.51
N GLY B 107 28.41 -0.68 7.03
CA GLY B 107 27.09 -0.18 6.68
C GLY B 107 26.55 0.54 7.90
N ARG B 108 27.38 0.58 8.94
CA ARG B 108 27.00 1.21 10.21
C ARG B 108 27.26 2.71 10.16
N TYR B 109 26.25 3.49 10.57
CA TYR B 109 26.23 4.93 10.31
C TYR B 109 27.60 5.52 10.55
N GLN B 110 28.34 4.92 11.48
CA GLN B 110 29.71 5.34 11.76
C GLN B 110 30.49 5.31 10.44
N ASP B 111 30.38 4.21 9.70
CA ASP B 111 31.14 4.03 8.46
C ASP B 111 30.69 4.89 7.29
N LEU B 112 29.42 5.27 7.31
CA LEU B 112 28.84 6.03 6.22
C LEU B 112 29.14 7.52 6.36
N ILE B 113 28.71 8.10 7.48
CA ILE B 113 28.72 9.55 7.64
C ILE B 113 29.52 10.02 8.85
N GLY B 114 30.49 9.20 9.23
CA GLY B 114 31.32 9.55 10.36
C GLY B 114 30.60 9.94 11.62
N ASN B 115 30.81 11.18 12.06
CA ASN B 115 30.22 11.67 13.28
C ASN B 115 28.89 12.41 13.14
N LYS B 116 28.64 12.88 11.92
CA LYS B 116 27.42 13.63 11.65
C LYS B 116 26.17 12.86 12.03
N GLY B 117 25.09 13.60 12.27
CA GLY B 117 23.82 12.98 12.62
C GLY B 117 23.04 12.59 11.37
N LEU B 118 21.97 11.82 11.55
CA LEU B 118 21.16 11.37 10.44
C LEU B 118 20.43 12.51 9.76
N GLU B 119 20.27 13.62 10.48
CA GLU B 119 19.56 14.78 9.95
C GLU B 119 20.29 15.45 8.79
N THR B 120 21.52 15.02 8.54
CA THR B 120 22.34 15.59 7.49
C THR B 120 22.22 14.88 6.17
N VAL B 121 21.44 13.81 6.15
CA VAL B 121 21.22 13.04 4.93
C VAL B 121 20.00 13.62 4.20
N THR B 122 20.25 14.29 3.07
CA THR B 122 19.16 14.89 2.29
C THR B 122 18.51 13.81 1.42
N MET B 123 17.18 13.71 1.52
CA MET B 123 16.44 12.70 0.80
C MET B 123 15.32 13.26 -0.07
N GLY B 124 14.62 12.37 -0.75
CA GLY B 124 13.55 12.75 -1.65
C GLY B 124 13.65 11.94 -2.94
N ARG B 125 12.72 12.15 -3.85
CA ARG B 125 12.69 11.42 -5.11
C ARG B 125 13.91 11.79 -5.98
N ALA B 126 14.21 13.08 -6.10
CA ALA B 126 15.35 13.48 -6.92
C ALA B 126 16.62 12.89 -6.32
N GLU B 127 16.70 12.88 -5.00
CA GLU B 127 17.86 12.33 -4.31
C GLU B 127 17.99 10.84 -4.61
N MET B 128 16.91 10.09 -4.40
CA MET B 128 16.92 8.65 -4.66
C MET B 128 17.25 8.36 -6.12
N THR B 129 16.79 9.23 -7.01
CA THR B 129 17.06 9.07 -8.44
C THR B 129 18.55 9.16 -8.75
N ARG B 130 19.24 10.16 -8.19
CA ARG B 130 20.68 10.30 -8.44
C ARG B 130 21.50 9.20 -7.76
N ALA B 131 21.03 8.73 -6.60
CA ALA B 131 21.76 7.69 -5.89
C ALA B 131 21.74 6.38 -6.64
N VAL B 132 20.57 6.05 -7.21
CA VAL B 132 20.41 4.82 -7.97
C VAL B 132 21.24 4.85 -9.25
N ASN B 133 21.20 5.96 -9.98
CA ASN B 133 21.94 6.07 -11.22
C ASN B 133 23.43 6.11 -10.94
N ASP B 134 23.78 6.77 -9.86
CA ASP B 134 25.17 6.88 -9.48
C ASP B 134 25.73 5.51 -9.10
N LEU B 135 25.03 4.79 -8.23
CA LEU B 135 25.50 3.48 -7.78
C LEU B 135 25.52 2.39 -8.88
N ALA B 136 24.63 2.54 -9.87
CA ALA B 136 24.53 1.58 -10.95
C ALA B 136 25.77 1.59 -11.85
N LYS B 137 26.62 2.60 -11.69
CA LYS B 137 27.84 2.70 -12.50
C LYS B 137 29.01 2.21 -11.68
N LYS B 138 28.78 1.99 -10.38
CA LYS B 138 29.86 1.59 -9.48
C LYS B 138 30.77 0.50 -10.03
N LYS B 139 32.07 0.74 -9.96
CA LYS B 139 33.06 -0.18 -10.50
C LYS B 139 34.38 0.09 -9.77
N LYS B 140 35.51 -0.25 -10.41
CA LYS B 140 36.82 0.11 -9.89
C LYS B 140 37.42 1.33 -10.56
N MET B 141 37.91 2.27 -9.76
CA MET B 141 37.37 3.62 -9.73
C MET B 141 38.43 4.65 -10.10
N ALA B 142 38.16 5.92 -9.78
CA ALA B 142 38.37 7.01 -10.72
C ALA B 142 39.49 7.93 -10.25
N THR B 143 40.44 8.20 -11.15
CA THR B 143 41.62 9.03 -10.80
C THR B 143 42.04 9.69 -12.06
N LEU B 144 42.13 11.01 -12.04
CA LEU B 144 42.56 11.76 -13.22
C LEU B 144 43.70 12.73 -12.90
N GLU B 145 44.04 13.56 -13.88
CA GLU B 145 45.14 14.49 -13.76
C GLU B 145 44.70 15.95 -13.84
N GLU B 146 44.38 16.52 -12.67
CA GLU B 146 44.03 17.92 -12.60
C GLU B 146 44.74 18.61 -11.44
N GLU B 147 44.72 19.94 -11.43
CA GLU B 147 45.92 20.72 -11.13
C GLU B 147 45.64 21.77 -10.06
N ALA B 159 47.16 20.93 -4.69
CA ALA B 159 46.12 20.10 -4.12
C ALA B 159 46.61 19.36 -2.87
N ASP B 160 45.94 19.60 -1.75
CA ASP B 160 45.91 18.64 -0.66
C ASP B 160 44.61 17.84 -0.66
N LEU B 161 43.80 18.04 -1.69
CA LEU B 161 42.72 17.11 -2.01
C LEU B 161 43.11 16.20 -3.18
N ALA B 162 44.27 15.56 -3.07
CA ALA B 162 44.43 14.19 -3.53
C ALA B 162 44.72 13.24 -2.36
N ALA B 163 45.12 13.82 -1.23
CA ALA B 163 45.16 13.08 0.02
C ALA B 163 43.75 12.74 0.50
N ALA B 164 42.80 13.59 0.13
CA ALA B 164 41.38 13.31 0.36
C ALA B 164 40.88 12.15 -0.50
N ALA B 165 41.32 12.11 -1.74
CA ALA B 165 40.90 11.04 -2.63
C ALA B 165 41.47 9.71 -2.18
N ALA B 166 42.63 9.75 -1.54
CA ALA B 166 43.28 8.53 -1.07
C ALA B 166 42.70 8.01 0.23
N ALA B 167 42.25 8.92 1.09
CA ALA B 167 41.68 8.53 2.38
C ALA B 167 40.19 8.18 2.31
N ASP B 168 39.46 8.85 1.42
CA ASP B 168 38.02 8.61 1.28
C ASP B 168 37.59 8.54 -0.18
N PRO B 169 38.08 7.55 -0.93
CA PRO B 169 37.67 7.46 -2.34
C PRO B 169 36.19 7.10 -2.48
N GLN B 170 35.69 6.36 -1.50
CA GLN B 170 34.29 5.93 -1.47
C GLN B 170 33.37 6.97 -0.85
N ALA B 171 33.78 8.24 -0.90
CA ALA B 171 32.96 9.30 -0.33
C ALA B 171 31.60 9.35 -1.01
N ASP B 172 31.63 9.28 -2.34
CA ASP B 172 30.42 9.33 -3.14
C ASP B 172 29.48 8.16 -2.85
N THR B 173 29.96 6.94 -3.02
CA THR B 173 29.17 5.73 -2.77
C THR B 173 28.55 5.77 -1.36
N LYS B 174 29.38 5.99 -0.35
CA LYS B 174 28.90 6.08 1.03
C LYS B 174 27.72 7.03 1.08
N SER B 175 27.89 8.19 0.48
CA SER B 175 26.87 9.24 0.47
C SER B 175 25.57 8.83 -0.20
N LYS B 176 25.66 8.10 -1.29
CA LYS B 176 24.47 7.65 -2.00
C LYS B 176 23.82 6.48 -1.24
N LEU B 177 24.63 5.62 -0.65
CA LEU B 177 24.11 4.47 0.10
C LEU B 177 23.32 4.88 1.36
N VAL B 178 23.85 5.83 2.13
CA VAL B 178 23.15 6.24 3.33
C VAL B 178 21.78 6.86 3.00
N LYS B 179 21.68 7.54 1.85
CA LYS B 179 20.39 8.12 1.46
C LYS B 179 19.34 7.03 1.29
N LEU B 180 19.76 5.90 0.70
CA LEU B 180 18.88 4.76 0.47
C LEU B 180 18.67 3.93 1.74
N VAL B 181 19.65 3.94 2.64
CA VAL B 181 19.52 3.19 3.89
C VAL B 181 18.41 3.83 4.71
N VAL B 182 18.40 5.16 4.76
CA VAL B 182 17.36 5.83 5.54
C VAL B 182 15.99 5.83 4.86
N MET B 183 15.93 6.12 3.56
CA MET B 183 14.65 6.14 2.87
C MET B 183 14.00 4.75 2.78
N VAL B 184 14.79 3.70 2.55
CA VAL B 184 14.21 2.36 2.43
C VAL B 184 14.20 1.52 3.71
N CYS B 185 15.38 1.21 4.26
CA CYS B 185 15.44 0.41 5.48
C CYS B 185 14.78 1.06 6.68
N GLU B 186 15.24 2.26 7.01
CA GLU B 186 14.68 3.01 8.15
C GLU B 186 13.24 3.40 7.85
N GLY B 187 12.93 3.60 6.57
CA GLY B 187 11.57 3.95 6.17
C GLY B 187 10.60 2.83 6.49
N LEU B 188 11.11 1.59 6.43
CA LEU B 188 10.29 0.42 6.72
C LEU B 188 10.13 0.20 8.24
N ARG B 189 11.19 0.47 9.00
CA ARG B 189 11.19 0.30 10.44
C ARG B 189 10.40 1.38 11.18
N PHE B 190 10.57 2.62 10.75
CA PHE B 190 9.93 3.75 11.41
C PHE B 190 8.87 4.46 10.61
N ASN B 191 7.67 4.55 11.16
CA ASN B 191 6.63 5.27 10.44
C ASN B 191 6.92 6.78 10.62
N THR B 192 7.77 7.12 11.58
CA THR B 192 8.12 8.53 11.78
C THR B 192 9.01 8.98 10.62
N VAL B 193 9.82 8.06 10.11
CA VAL B 193 10.72 8.34 8.99
C VAL B 193 9.94 8.33 7.69
N SER B 194 9.04 7.36 7.55
CA SER B 194 8.25 7.25 6.33
C SER B 194 7.23 8.37 6.19
N ARG B 195 6.76 8.95 7.29
CA ARG B 195 5.80 10.05 7.18
C ARG B 195 6.55 11.29 6.69
N THR B 196 7.72 11.52 7.27
CA THR B 196 8.56 12.67 6.94
C THR B 196 9.10 12.60 5.52
N VAL B 197 9.65 11.44 5.16
CA VAL B 197 10.19 11.21 3.81
C VAL B 197 9.13 11.30 2.75
N ASP B 198 7.92 10.83 3.07
CA ASP B 198 6.83 10.90 2.11
C ASP B 198 6.39 12.35 1.96
N ALA B 199 6.11 13.01 3.08
CA ALA B 199 5.68 14.39 3.04
C ALA B 199 6.55 15.32 2.18
N GLY B 200 7.86 15.09 2.16
CA GLY B 200 8.71 15.94 1.36
C GLY B 200 9.40 15.21 0.22
N PHE B 201 8.84 14.08 -0.19
CA PHE B 201 9.44 13.27 -1.25
C PHE B 201 9.58 13.98 -2.60
N ASN B 202 8.59 14.79 -2.97
CA ASN B 202 8.62 15.51 -4.25
C ASN B 202 8.96 16.98 -4.09
N SER B 203 9.44 17.38 -2.91
CA SER B 203 9.80 18.78 -2.65
C SER B 203 11.02 19.15 -3.48
N GLN B 204 11.11 20.41 -3.90
CA GLN B 204 12.23 20.82 -4.75
C GLN B 204 13.60 20.76 -4.09
N HIS B 205 13.66 20.97 -2.78
CA HIS B 205 14.95 20.98 -2.13
C HIS B 205 15.26 19.77 -1.24
N GLY B 206 14.49 18.71 -1.42
CA GLY B 206 14.72 17.51 -0.63
C GLY B 206 14.22 17.62 0.78
N VAL B 207 14.31 16.52 1.51
CA VAL B 207 13.84 16.48 2.89
C VAL B 207 14.87 15.77 3.77
N THR B 208 14.89 16.11 5.06
CA THR B 208 15.79 15.45 6.00
C THR B 208 15.06 15.25 7.31
N LEU B 209 15.62 14.39 8.15
CA LEU B 209 15.06 14.10 9.45
C LEU B 209 15.54 15.16 10.43
N THR B 210 14.89 15.26 11.58
CA THR B 210 15.34 16.22 12.58
C THR B 210 16.38 15.51 13.43
N VAL B 211 17.11 16.29 14.22
CA VAL B 211 18.11 15.74 15.11
C VAL B 211 17.46 14.67 15.99
N THR B 212 16.33 15.00 16.61
CA THR B 212 15.64 14.04 17.48
C THR B 212 15.26 12.77 16.71
N GLN B 213 14.75 12.94 15.49
CA GLN B 213 14.37 11.79 14.68
C GLN B 213 15.59 10.91 14.40
N GLY B 214 16.70 11.52 14.04
CA GLY B 214 17.91 10.78 13.76
C GLY B 214 18.39 9.99 14.97
N LYS B 215 18.22 10.55 16.17
CA LYS B 215 18.65 9.85 17.37
C LYS B 215 17.74 8.68 17.69
N GLN B 216 16.49 8.76 17.27
CA GLN B 216 15.57 7.67 17.54
C GLN B 216 15.83 6.55 16.54
N VAL B 217 16.05 6.92 15.28
CA VAL B 217 16.32 5.93 14.25
C VAL B 217 17.55 5.09 14.62
N GLN B 218 18.57 5.73 15.19
CA GLN B 218 19.80 5.04 15.57
C GLN B 218 19.60 4.16 16.80
N LYS B 219 18.43 4.24 17.41
CA LYS B 219 18.13 3.46 18.60
C LYS B 219 16.99 2.48 18.37
N TRP B 220 16.87 1.97 17.15
CA TRP B 220 15.82 1.03 16.82
C TRP B 220 15.87 -0.18 17.73
N ASP B 221 17.08 -0.69 17.97
CA ASP B 221 17.28 -1.87 18.81
C ASP B 221 16.72 -1.60 20.19
N ARG B 222 17.08 -0.44 20.71
CA ARG B 222 16.67 -0.05 22.03
C ARG B 222 15.18 0.10 22.19
N ILE B 223 14.52 0.82 21.29
CA ILE B 223 13.08 0.98 21.45
C ILE B 223 12.31 -0.28 21.08
N SER B 224 12.97 -1.22 20.42
CA SER B 224 12.34 -2.50 20.09
C SER B 224 12.32 -3.30 21.40
N LYS B 225 13.33 -3.06 22.24
CA LYS B 225 13.42 -3.73 23.54
C LYS B 225 12.40 -3.12 24.48
N ALA B 226 12.22 -1.81 24.37
CA ALA B 226 11.25 -1.11 25.21
C ALA B 226 9.86 -1.59 24.84
N ALA B 227 9.64 -1.86 23.56
CA ALA B 227 8.35 -2.34 23.10
C ALA B 227 8.05 -3.68 23.78
N PHE B 228 9.06 -4.52 23.91
CA PHE B 228 8.85 -5.79 24.57
C PHE B 228 8.58 -5.59 26.06
N GLU B 229 9.39 -4.75 26.71
CA GLU B 229 9.21 -4.46 28.12
C GLU B 229 7.82 -3.89 28.39
N TRP B 230 7.30 -3.07 27.49
CA TRP B 230 5.98 -2.48 27.70
C TRP B 230 4.88 -3.52 27.50
N ALA B 231 5.24 -4.67 26.93
CA ALA B 231 4.27 -5.74 26.71
C ALA B 231 3.96 -6.37 28.07
N ASP B 232 4.98 -6.53 28.89
CA ASP B 232 4.84 -7.11 30.22
C ASP B 232 4.38 -6.05 31.22
N HIS B 233 5.05 -4.91 31.21
CA HIS B 233 4.74 -3.81 32.12
C HIS B 233 4.51 -2.49 31.37
N PRO B 234 3.28 -2.28 30.90
CA PRO B 234 2.86 -1.09 30.15
C PRO B 234 3.05 0.25 30.84
N THR B 235 3.14 0.24 32.15
CA THR B 235 3.29 1.47 32.90
C THR B 235 4.73 1.87 33.18
N ALA B 236 5.64 0.91 33.04
CA ALA B 236 7.05 1.18 33.29
C ALA B 236 7.60 2.41 32.63
N VAL B 237 8.25 3.27 33.42
CA VAL B 237 8.95 4.43 32.90
C VAL B 237 10.38 4.09 32.52
N ILE B 238 10.67 4.18 31.22
CA ILE B 238 11.94 3.70 30.69
C ILE B 238 12.88 4.86 30.39
N PRO B 239 13.92 5.01 31.22
CA PRO B 239 14.90 6.09 31.05
C PRO B 239 15.46 6.19 29.63
N ASP B 240 15.88 5.05 29.07
CA ASP B 240 16.42 5.04 27.73
C ASP B 240 15.45 5.56 26.69
N MET B 241 14.14 5.48 27.01
CA MET B 241 13.11 5.96 26.10
C MET B 241 12.83 7.45 26.27
N GLN B 242 12.62 7.90 27.50
CA GLN B 242 12.32 9.29 27.72
C GLN B 242 13.46 10.22 27.32
N LYS B 243 14.66 9.65 27.23
CA LYS B 243 15.87 10.37 26.83
C LYS B 243 15.77 10.61 25.32
N LEU B 244 14.91 9.83 24.67
CA LEU B 244 14.74 9.96 23.23
C LEU B 244 13.48 10.78 22.95
N GLY B 245 12.70 11.03 23.98
CA GLY B 245 11.48 11.78 23.77
C GLY B 245 10.31 10.86 23.52
N ILE B 246 10.30 9.66 24.11
CA ILE B 246 9.19 8.71 23.97
C ILE B 246 8.95 8.16 25.36
N LYS B 247 7.83 8.56 25.96
CA LYS B 247 7.51 8.21 27.34
C LYS B 247 6.91 6.81 27.45
N ASP B 248 5.94 6.52 26.59
CA ASP B 248 5.08 5.37 26.74
C ASP B 248 4.90 4.65 25.41
N LYS B 249 4.40 3.42 25.46
CA LYS B 249 4.21 2.62 24.26
C LYS B 249 3.41 3.33 23.18
N ASN B 250 2.49 4.20 23.59
CA ASN B 250 1.68 4.94 22.64
C ASN B 250 2.52 5.86 21.76
N GLU B 251 3.41 6.65 22.37
CA GLU B 251 4.27 7.54 21.58
C GLU B 251 5.19 6.71 20.69
N ALA B 252 5.56 5.53 21.17
CA ALA B 252 6.43 4.64 20.41
C ALA B 252 5.68 4.09 19.20
N ALA B 253 4.37 3.91 19.37
CA ALA B 253 3.52 3.39 18.29
C ALA B 253 3.56 4.34 17.10
N ARG B 254 3.74 5.63 17.37
CA ARG B 254 3.82 6.63 16.31
C ARG B 254 5.23 6.72 15.72
N ILE B 255 6.19 6.04 16.33
CA ILE B 255 7.57 6.10 15.84
C ILE B 255 8.11 4.85 15.16
N VAL B 256 7.91 3.68 15.75
CA VAL B 256 8.39 2.45 15.12
C VAL B 256 7.21 1.71 14.52
N ALA B 257 7.40 1.22 13.30
CA ALA B 257 6.36 0.47 12.62
C ALA B 257 6.63 -1.01 12.86
N LEU B 258 7.88 -1.41 12.66
CA LEU B 258 8.27 -2.80 12.84
C LEU B 258 9.39 -2.89 13.88
N VAL B 259 9.24 -3.83 14.82
CA VAL B 259 10.24 -4.00 15.88
C VAL B 259 11.08 -5.26 15.74
N LYS B 260 12.31 -5.16 16.23
CA LYS B 260 13.27 -6.26 16.21
C LYS B 260 12.84 -7.32 17.23
N ASN B 261 12.88 -8.58 16.82
CA ASN B 261 12.49 -9.69 17.70
C ASN B 261 13.52 -9.90 18.80
N GLN B 262 13.08 -10.02 20.04
CA GLN B 262 13.99 -10.20 21.17
C GLN B 262 14.12 -11.68 21.49
N THR B 263 13.50 -12.50 20.65
CA THR B 263 13.24 -13.89 21.00
C THR B 263 14.03 -14.84 20.11
N THR B 264 13.90 -16.14 20.36
CA THR B 264 13.93 -17.13 19.30
C THR B 264 12.62 -17.93 19.25
#